data_2D39
#
_entry.id   2D39
#
_cell.length_a   55.16
_cell.length_b   117.45
_cell.length_c   55.19
_cell.angle_alpha   90
_cell.angle_beta   99.88
_cell.angle_gamma   90
#
_symmetry.space_group_name_H-M   'P 1 21 1'
#
loop_
_entity.id
_entity.type
_entity.pdbx_description
1 polymer Ficolin-1
2 non-polymer 'CALCIUM ION'
3 water water
#
_entity_poly.entity_id   1
_entity_poly.type   'polypeptide(L)'
_entity_poly.pdbx_seq_one_letter_code
;EFPRNCKDLLDRGYFLSGWHTIYLPDCRPLTVLCDMDTDGGGWTVFQRRMDGSVDFYRDWAAYKQGFGSQLGEFWLGNDN
IHALTAQGSSELRVDLVDFEGNHQFAKYKSFKVADEAEKYKLVLGAFVGGSAGNSLTGHNNNFFSTKDQDNDVSSSNCAE
KFQGAWWYADCHASNLNGLYLMGPHESYANGINWSAAKGYKYSYKVSEMKVRPAFLEQKLISEEDLNSAVDHHHHHH
;
_entity_poly.pdbx_strand_id   A,B,C
#
loop_
_chem_comp.id
_chem_comp.type
_chem_comp.name
_chem_comp.formula
CA non-polymer 'CALCIUM ION' 'Ca 2'
#
# COMPACT_ATOMS: atom_id res chain seq x y z
N GLU A 1 -6.85 15.33 18.40
CA GLU A 1 -5.91 15.84 19.43
C GLU A 1 -4.74 14.87 19.65
N PHE A 2 -4.72 14.24 20.83
CA PHE A 2 -3.68 13.30 21.17
C PHE A 2 -4.24 11.89 21.37
N PRO A 3 -4.55 11.19 20.27
CA PRO A 3 -5.10 9.84 20.36
C PRO A 3 -4.09 8.96 21.11
N ARG A 4 -4.57 8.07 21.97
CA ARG A 4 -3.68 7.21 22.73
C ARG A 4 -3.63 5.81 22.12
N ASN A 5 -4.57 5.54 21.22
CA ASN A 5 -4.65 4.25 20.55
C ASN A 5 -5.55 4.37 19.33
N CYS A 6 -5.63 3.29 18.55
CA CYS A 6 -6.45 3.29 17.35
C CYS A 6 -7.93 3.36 17.67
N LYS A 7 -8.30 2.96 18.88
CA LYS A 7 -9.69 3.00 19.28
C LYS A 7 -10.14 4.46 19.36
N ASP A 8 -9.25 5.33 19.84
CA ASP A 8 -9.57 6.74 19.94
C ASP A 8 -9.74 7.35 18.56
N LEU A 9 -8.93 6.89 17.61
CA LEU A 9 -9.02 7.39 16.25
C LEU A 9 -10.35 6.99 15.62
N LEU A 10 -10.73 5.73 15.77
CA LEU A 10 -11.99 5.22 15.22
C LEU A 10 -13.17 6.03 15.73
N ASP A 11 -13.16 6.34 17.03
CA ASP A 11 -14.22 7.13 17.64
C ASP A 11 -14.25 8.54 17.05
N ARG A 12 -13.11 8.96 16.51
CA ARG A 12 -13.01 10.30 15.93
C ARG A 12 -13.36 10.38 14.44
N GLY A 13 -13.99 9.34 13.90
CA GLY A 13 -14.38 9.39 12.50
C GLY A 13 -13.52 8.64 11.49
N TYR A 14 -12.39 8.10 11.94
CA TYR A 14 -11.51 7.33 11.06
C TYR A 14 -12.04 5.91 10.86
N PHE A 15 -12.76 5.81 9.75
CA PHE A 15 -13.37 4.55 9.41
C PHE A 15 -12.50 3.62 8.56
N LEU A 16 -11.51 4.17 7.86
CA LEU A 16 -10.65 3.32 7.03
C LEU A 16 -9.37 2.97 7.75
N SER A 17 -8.88 1.75 7.52
CA SER A 17 -7.63 1.33 8.14
C SER A 17 -6.52 2.14 7.51
N GLY A 18 -5.47 2.40 8.27
CA GLY A 18 -4.37 3.18 7.75
C GLY A 18 -3.46 3.59 8.89
N TRP A 19 -2.37 4.26 8.54
CA TRP A 19 -1.41 4.69 9.55
C TRP A 19 -1.78 6.03 10.15
N HIS A 20 -1.58 6.14 11.45
CA HIS A 20 -1.88 7.35 12.19
C HIS A 20 -0.91 7.47 13.34
N THR A 21 -0.72 8.68 13.81
CA THR A 21 0.17 8.89 14.94
C THR A 21 -0.66 8.82 16.20
N ILE A 22 -0.22 8.00 17.16
CA ILE A 22 -0.91 7.91 18.44
C ILE A 22 0.13 8.30 19.47
N TYR A 23 -0.32 8.67 20.65
CA TYR A 23 0.61 9.06 21.69
C TYR A 23 0.62 8.06 22.83
N LEU A 24 1.78 7.45 23.01
CA LEU A 24 1.99 6.44 24.05
C LEU A 24 1.84 7.03 25.45
N PRO A 25 1.84 6.17 26.47
CA PRO A 25 1.70 6.61 27.87
C PRO A 25 2.56 7.81 28.25
N ASP A 26 3.80 7.82 27.78
CA ASP A 26 4.73 8.91 28.07
C ASP A 26 4.65 9.97 26.97
N CYS A 27 3.55 9.95 26.23
CA CYS A 27 3.30 10.90 25.14
C CYS A 27 4.23 10.80 23.93
N ARG A 28 5.05 9.75 23.89
CA ARG A 28 5.94 9.59 22.75
C ARG A 28 5.06 9.32 21.53
N PRO A 29 5.23 10.11 20.46
CA PRO A 29 4.39 9.85 19.29
C PRO A 29 4.88 8.60 18.56
N LEU A 30 3.93 7.80 18.08
CA LEU A 30 4.27 6.58 17.35
C LEU A 30 3.29 6.40 16.21
N THR A 31 3.81 6.27 14.99
CA THR A 31 2.93 6.08 13.86
C THR A 31 2.63 4.59 13.78
N VAL A 32 1.34 4.25 13.87
CA VAL A 32 0.93 2.86 13.85
C VAL A 32 -0.14 2.58 12.82
N LEU A 33 -0.26 1.31 12.47
CA LEU A 33 -1.27 0.88 11.52
C LEU A 33 -2.53 0.57 12.30
N CYS A 34 -3.61 1.28 12.00
CA CYS A 34 -4.88 1.07 12.66
C CYS A 34 -5.81 0.21 11.81
N ASP A 35 -6.30 -0.87 12.38
CA ASP A 35 -7.26 -1.72 11.67
C ASP A 35 -8.61 -1.19 12.15
N MET A 36 -9.30 -0.45 11.29
CA MET A 36 -10.59 0.12 11.63
C MET A 36 -11.75 -0.69 11.09
N ASP A 37 -11.41 -1.77 10.38
CA ASP A 37 -12.43 -2.60 9.77
C ASP A 37 -12.78 -3.88 10.54
N THR A 38 -11.74 -4.66 10.85
CA THR A 38 -11.93 -5.93 11.54
C THR A 38 -12.55 -5.93 12.93
N ASP A 39 -13.55 -6.79 13.10
CA ASP A 39 -14.18 -7.01 14.39
C ASP A 39 -14.37 -5.75 15.22
N GLY A 40 -15.05 -4.76 14.67
CA GLY A 40 -15.30 -3.53 15.40
C GLY A 40 -14.28 -2.44 15.16
N GLY A 41 -13.11 -2.81 14.67
CA GLY A 41 -12.07 -1.82 14.40
C GLY A 41 -11.40 -1.28 15.66
N GLY A 42 -10.48 -0.34 15.48
CA GLY A 42 -9.79 0.24 16.61
C GLY A 42 -8.61 -0.59 17.09
N TRP A 43 -8.15 -1.51 16.24
CA TRP A 43 -7.02 -2.37 16.61
C TRP A 43 -5.73 -1.75 16.13
N THR A 44 -4.70 -1.83 16.95
CA THR A 44 -3.39 -1.32 16.59
C THR A 44 -2.62 -2.55 16.12
N VAL A 45 -2.23 -2.55 14.85
CA VAL A 45 -1.51 -3.68 14.27
C VAL A 45 -0.03 -3.58 14.57
N PHE A 46 0.55 -4.61 15.20
CA PHE A 46 1.97 -4.57 15.51
C PHE A 46 2.79 -5.55 14.68
N GLN A 47 2.13 -6.39 13.89
CA GLN A 47 2.83 -7.31 13.01
C GLN A 47 1.96 -7.55 11.79
N ARG A 48 2.61 -7.57 10.62
CA ARG A 48 1.92 -7.83 9.38
C ARG A 48 2.84 -8.53 8.40
N ARG A 49 2.38 -9.66 7.86
CA ARG A 49 3.12 -10.41 6.84
C ARG A 49 2.13 -10.50 5.69
N MET A 50 2.61 -10.54 4.45
CA MET A 50 1.70 -10.59 3.32
C MET A 50 2.31 -11.13 2.03
N ASP A 51 3.63 -11.03 1.90
CA ASP A 51 4.26 -11.48 0.66
C ASP A 51 5.72 -11.91 0.79
N GLY A 52 6.23 -11.93 2.02
CA GLY A 52 7.61 -12.33 2.21
C GLY A 52 8.67 -11.38 1.67
N SER A 53 8.28 -10.13 1.43
CA SER A 53 9.20 -9.13 0.91
C SER A 53 10.16 -8.61 1.99
N VAL A 54 9.80 -8.80 3.24
CA VAL A 54 10.63 -8.33 4.35
C VAL A 54 11.27 -9.47 5.12
N ASP A 55 12.56 -9.34 5.38
CA ASP A 55 13.30 -10.36 6.13
C ASP A 55 12.92 -10.23 7.61
N PHE A 56 12.42 -11.31 8.19
CA PHE A 56 12.04 -11.28 9.59
C PHE A 56 13.01 -12.03 10.48
N TYR A 57 14.03 -12.64 9.88
CA TYR A 57 15.02 -13.39 10.63
C TYR A 57 16.05 -12.38 11.12
N ARG A 58 15.63 -11.55 12.07
CA ARG A 58 16.47 -10.49 12.60
C ARG A 58 16.88 -10.68 14.05
N ASP A 59 17.88 -9.89 14.47
CA ASP A 59 18.40 -10.00 15.82
C ASP A 59 17.58 -9.26 16.87
N TRP A 60 18.03 -9.40 18.12
CA TRP A 60 17.35 -8.79 19.24
C TRP A 60 17.15 -7.29 19.04
N ALA A 61 18.23 -6.60 18.66
CA ALA A 61 18.17 -5.16 18.44
C ALA A 61 17.11 -4.75 17.43
N ALA A 62 17.00 -5.51 16.34
CA ALA A 62 16.02 -5.21 15.31
C ALA A 62 14.59 -5.37 15.81
N TYR A 63 14.32 -6.48 16.50
CA TYR A 63 12.98 -6.73 17.01
C TYR A 63 12.64 -5.75 18.12
N LYS A 64 13.67 -5.29 18.82
CA LYS A 64 13.48 -4.32 19.91
C LYS A 64 12.99 -2.99 19.33
N GLN A 65 13.62 -2.57 18.25
CA GLN A 65 13.28 -1.30 17.62
C GLN A 65 12.11 -1.39 16.64
N GLY A 66 11.96 -2.53 15.99
CA GLY A 66 10.91 -2.67 15.00
C GLY A 66 11.55 -2.54 13.64
N PHE A 67 10.90 -3.05 12.60
CA PHE A 67 11.46 -2.98 11.26
C PHE A 67 10.41 -3.27 10.21
N GLY A 68 10.72 -2.94 8.96
CA GLY A 68 9.77 -3.19 7.91
C GLY A 68 9.30 -1.92 7.23
N SER A 69 8.15 -2.04 6.56
CA SER A 69 7.59 -0.92 5.82
C SER A 69 6.10 -0.70 6.07
N GLN A 70 5.71 0.56 6.18
CA GLN A 70 4.30 0.87 6.39
C GLN A 70 3.50 0.46 5.17
N LEU A 71 4.19 0.34 4.02
CA LEU A 71 3.51 -0.05 2.79
C LEU A 71 3.37 -1.56 2.70
N GLY A 72 3.94 -2.28 3.67
CA GLY A 72 3.84 -3.73 3.60
C GLY A 72 3.99 -4.48 4.91
N GLU A 73 5.02 -5.30 4.98
CA GLU A 73 5.28 -6.12 6.16
C GLU A 73 6.09 -5.37 7.19
N PHE A 74 5.82 -5.65 8.46
CA PHE A 74 6.56 -4.97 9.52
C PHE A 74 6.35 -5.61 10.86
N TRP A 75 7.24 -5.23 11.78
CA TRP A 75 7.19 -5.63 13.18
C TRP A 75 7.30 -4.25 13.84
N LEU A 76 6.29 -3.86 14.59
CA LEU A 76 6.28 -2.54 15.21
C LEU A 76 7.40 -2.28 16.22
N GLY A 77 7.98 -3.35 16.76
CA GLY A 77 9.06 -3.17 17.72
C GLY A 77 8.61 -3.55 19.12
N ASN A 78 9.44 -4.33 19.82
CA ASN A 78 9.08 -4.79 21.16
C ASN A 78 8.93 -3.68 22.19
N ASP A 79 9.77 -2.65 22.12
CA ASP A 79 9.64 -1.57 23.08
C ASP A 79 8.29 -0.91 22.84
N ASN A 80 7.92 -0.76 21.58
CA ASN A 80 6.64 -0.14 21.24
C ASN A 80 5.47 -1.02 21.67
N ILE A 81 5.57 -2.33 21.42
CA ILE A 81 4.51 -3.24 21.79
C ILE A 81 4.34 -3.22 23.30
N HIS A 82 5.45 -3.21 24.03
CA HIS A 82 5.35 -3.14 25.48
C HIS A 82 4.63 -1.85 25.86
N ALA A 83 5.05 -0.73 25.25
CA ALA A 83 4.44 0.56 25.56
C ALA A 83 2.94 0.56 25.26
N LEU A 84 2.55 -0.10 24.19
CA LEU A 84 1.14 -0.18 23.78
C LEU A 84 0.28 -1.04 24.70
N THR A 85 0.92 -2.00 25.37
CA THR A 85 0.17 -2.90 26.22
C THR A 85 0.42 -2.76 27.71
N ALA A 86 1.32 -1.86 28.09
CA ALA A 86 1.63 -1.65 29.49
C ALA A 86 0.45 -1.08 30.25
N GLN A 87 -0.26 -0.14 29.64
CA GLN A 87 -1.40 0.52 30.27
C GLN A 87 -2.71 -0.25 30.11
N GLY A 88 -3.50 -0.28 31.17
CA GLY A 88 -4.78 -0.96 31.15
C GLY A 88 -4.74 -2.41 30.70
N SER A 89 -5.84 -2.86 30.13
CA SER A 89 -5.96 -4.23 29.65
C SER A 89 -6.20 -4.21 28.14
N SER A 90 -5.43 -5.00 27.41
CA SER A 90 -5.58 -5.06 25.96
C SER A 90 -5.83 -6.49 25.51
N GLU A 91 -6.66 -6.64 24.48
CA GLU A 91 -6.94 -7.96 23.95
C GLU A 91 -6.12 -8.14 22.68
N LEU A 92 -5.78 -9.39 22.37
CA LEU A 92 -5.00 -9.70 21.19
C LEU A 92 -5.83 -10.39 20.14
N ARG A 93 -5.65 -9.97 18.90
CA ARG A 93 -6.34 -10.58 17.79
C ARG A 93 -5.29 -10.91 16.76
N VAL A 94 -5.42 -12.08 16.15
CA VAL A 94 -4.50 -12.54 15.12
C VAL A 94 -5.36 -12.82 13.91
N ASP A 95 -5.17 -12.04 12.85
CA ASP A 95 -5.97 -12.23 11.64
C ASP A 95 -5.12 -12.86 10.56
N LEU A 96 -5.66 -13.91 9.97
CA LEU A 96 -4.94 -14.66 8.95
C LEU A 96 -5.77 -14.90 7.71
N VAL A 97 -5.09 -15.02 6.58
CA VAL A 97 -5.76 -15.30 5.31
C VAL A 97 -4.92 -16.40 4.66
N ASP A 98 -5.53 -17.54 4.39
CA ASP A 98 -4.78 -18.63 3.76
C ASP A 98 -4.58 -18.29 2.28
N PHE A 99 -3.89 -19.14 1.55
CA PHE A 99 -3.63 -18.85 0.14
C PHE A 99 -4.80 -18.92 -0.81
N GLU A 100 -6.01 -19.10 -0.26
CA GLU A 100 -7.18 -19.16 -1.10
C GLU A 100 -8.21 -18.10 -0.72
N GLY A 101 -7.75 -17.13 0.05
CA GLY A 101 -8.61 -16.03 0.45
C GLY A 101 -9.49 -16.26 1.68
N ASN A 102 -9.32 -17.39 2.35
CA ASN A 102 -10.12 -17.65 3.54
C ASN A 102 -9.55 -16.91 4.72
N HIS A 103 -10.36 -16.08 5.34
CA HIS A 103 -9.92 -15.32 6.51
C HIS A 103 -10.21 -16.14 7.76
N GLN A 104 -9.21 -16.25 8.63
CA GLN A 104 -9.36 -16.96 9.88
C GLN A 104 -8.76 -16.09 10.97
N PHE A 105 -9.12 -16.34 12.22
CA PHE A 105 -8.60 -15.52 13.29
C PHE A 105 -8.53 -16.25 14.60
N ALA A 106 -7.85 -15.63 15.56
CA ALA A 106 -7.71 -16.15 16.90
C ALA A 106 -7.76 -14.91 17.75
N LYS A 107 -8.41 -15.02 18.91
CA LYS A 107 -8.55 -13.87 19.79
C LYS A 107 -8.23 -14.30 21.22
N TYR A 108 -7.56 -13.41 21.97
CA TYR A 108 -7.19 -13.68 23.35
C TYR A 108 -7.70 -12.56 24.24
N LYS A 109 -8.20 -12.94 25.41
CA LYS A 109 -8.80 -11.99 26.35
C LYS A 109 -7.89 -10.86 26.78
N SER A 110 -6.63 -11.18 27.06
CA SER A 110 -5.70 -10.16 27.47
C SER A 110 -4.36 -10.46 26.82
N PHE A 111 -3.57 -9.41 26.63
CA PHE A 111 -2.29 -9.55 26.00
C PHE A 111 -1.41 -8.40 26.44
N LYS A 112 -0.23 -8.73 26.94
CA LYS A 112 0.71 -7.71 27.37
C LYS A 112 2.10 -8.24 27.09
N VAL A 113 3.02 -7.34 26.75
CA VAL A 113 4.40 -7.72 26.51
C VAL A 113 5.19 -6.88 27.50
N ALA A 114 5.98 -7.54 28.36
CA ALA A 114 6.77 -6.84 29.37
C ALA A 114 7.88 -6.02 28.71
N ASP A 115 8.65 -5.27 29.50
CA ASP A 115 9.72 -4.48 28.92
C ASP A 115 10.94 -5.33 28.61
N GLU A 116 11.96 -4.73 28.03
CA GLU A 116 13.16 -5.47 27.68
C GLU A 116 13.85 -6.16 28.87
N ALA A 117 13.87 -5.51 30.03
CA ALA A 117 14.50 -6.08 31.21
C ALA A 117 13.89 -7.44 31.55
N GLU A 118 12.63 -7.61 31.17
CA GLU A 118 11.94 -8.87 31.40
C GLU A 118 11.90 -9.70 30.14
N LYS A 119 12.84 -9.43 29.24
CA LYS A 119 12.95 -10.14 27.96
C LYS A 119 11.64 -10.11 27.19
N TYR A 120 10.94 -8.99 27.29
CA TYR A 120 9.67 -8.81 26.58
C TYR A 120 8.75 -9.97 26.85
N LYS A 121 8.73 -10.43 28.10
CA LYS A 121 7.89 -11.56 28.48
C LYS A 121 6.46 -11.40 28.00
N LEU A 122 5.91 -12.49 27.49
CA LEU A 122 4.55 -12.50 26.99
C LEU A 122 3.56 -12.80 28.12
N VAL A 123 2.62 -11.91 28.34
CA VAL A 123 1.60 -12.14 29.36
C VAL A 123 0.36 -12.32 28.50
N LEU A 124 -0.10 -13.56 28.39
CA LEU A 124 -1.24 -13.86 27.54
C LEU A 124 -2.43 -14.39 28.32
N GLY A 125 -3.60 -13.81 28.03
CA GLY A 125 -4.83 -14.22 28.69
C GLY A 125 -5.46 -15.41 28.00
N ALA A 126 -6.67 -15.75 28.43
CA ALA A 126 -7.40 -16.88 27.87
C ALA A 126 -7.75 -16.76 26.39
N PHE A 127 -7.71 -17.89 25.70
CA PHE A 127 -8.08 -17.96 24.30
C PHE A 127 -9.59 -17.73 24.28
N VAL A 128 -10.03 -16.69 23.58
CA VAL A 128 -11.45 -16.36 23.51
C VAL A 128 -12.16 -17.20 22.45
N GLY A 129 -11.49 -17.42 21.32
CA GLY A 129 -12.07 -18.19 20.25
C GLY A 129 -11.46 -17.79 18.92
N GLY A 130 -11.93 -18.40 17.83
CA GLY A 130 -11.40 -18.07 16.53
C GLY A 130 -11.15 -19.27 15.63
N SER A 131 -11.54 -19.12 14.38
CA SER A 131 -11.39 -20.17 13.38
C SER A 131 -9.96 -20.65 13.18
N ALA A 132 -8.99 -19.77 13.48
CA ALA A 132 -7.59 -20.11 13.30
C ALA A 132 -7.04 -21.08 14.34
N GLY A 133 -7.71 -21.22 15.47
CA GLY A 133 -7.21 -22.12 16.48
C GLY A 133 -6.28 -21.41 17.46
N ASN A 134 -6.12 -22.00 18.64
CA ASN A 134 -5.27 -21.44 19.67
C ASN A 134 -3.83 -21.92 19.53
N SER A 135 -3.06 -21.24 18.68
CA SER A 135 -1.68 -21.62 18.45
C SER A 135 -0.74 -21.14 19.55
N LEU A 136 -1.19 -20.18 20.35
CA LEU A 136 -0.36 -19.65 21.44
C LEU A 136 -0.69 -20.26 22.79
N THR A 137 -1.41 -21.38 22.79
CA THR A 137 -1.77 -22.02 24.04
C THR A 137 -0.52 -22.27 24.88
N GLY A 138 -0.65 -22.08 26.19
CA GLY A 138 0.47 -22.30 27.10
C GLY A 138 1.67 -21.39 26.93
N HIS A 139 1.56 -20.35 26.12
CA HIS A 139 2.67 -19.43 25.92
C HIS A 139 2.76 -18.30 26.92
N ASN A 140 1.78 -18.24 27.82
CA ASN A 140 1.81 -17.19 28.84
C ASN A 140 3.14 -17.29 29.58
N ASN A 141 3.75 -16.13 29.82
CA ASN A 141 5.03 -16.01 30.52
C ASN A 141 6.27 -16.38 29.72
N ASN A 142 6.11 -16.78 28.47
CA ASN A 142 7.28 -17.11 27.66
C ASN A 142 8.05 -15.83 27.37
N PHE A 143 9.38 -15.94 27.38
CA PHE A 143 10.21 -14.77 27.08
C PHE A 143 10.39 -14.72 25.57
N PHE A 144 10.83 -13.57 25.07
CA PHE A 144 11.06 -13.41 23.65
C PHE A 144 12.46 -13.89 23.31
N SER A 145 12.61 -14.55 22.16
CA SER A 145 13.91 -15.03 21.71
C SER A 145 14.13 -14.64 20.26
N THR A 146 15.37 -14.28 19.95
CA THR A 146 15.78 -13.94 18.60
C THR A 146 16.99 -14.82 18.33
N LYS A 147 17.41 -14.92 17.08
CA LYS A 147 18.54 -15.75 16.73
C LYS A 147 19.78 -15.52 17.58
N ASP A 148 19.99 -14.27 18.02
CA ASP A 148 21.16 -13.94 18.81
C ASP A 148 20.92 -13.86 20.33
N GLN A 149 19.70 -14.13 20.75
CA GLN A 149 19.39 -14.12 22.18
C GLN A 149 18.33 -15.18 22.45
N ASP A 150 18.82 -16.36 22.80
CA ASP A 150 18.01 -17.54 23.07
C ASP A 150 17.51 -17.57 24.51
N ASN A 151 16.24 -17.25 24.71
CA ASN A 151 15.64 -17.25 26.04
C ASN A 151 14.54 -18.29 26.15
N ASP A 152 14.60 -19.29 25.28
CA ASP A 152 13.59 -20.34 25.30
C ASP A 152 14.07 -21.46 26.20
N VAL A 153 13.24 -22.48 26.39
CA VAL A 153 13.64 -23.58 27.27
C VAL A 153 14.03 -24.86 26.56
N SER A 154 14.25 -24.77 25.25
CA SER A 154 14.64 -25.93 24.46
C SER A 154 16.15 -26.07 24.38
N SER A 155 16.63 -27.25 24.02
CA SER A 155 18.07 -27.46 23.91
C SER A 155 18.51 -26.86 22.58
N SER A 156 17.56 -26.71 21.66
CA SER A 156 17.91 -26.13 20.38
C SER A 156 17.70 -24.62 20.45
N ASN A 157 18.26 -23.90 19.50
CA ASN A 157 18.07 -22.46 19.46
C ASN A 157 16.80 -22.29 18.63
N CYS A 158 15.66 -22.21 19.32
CA CYS A 158 14.38 -22.09 18.64
C CYS A 158 14.31 -21.04 17.55
N ALA A 159 14.73 -19.83 17.85
CA ALA A 159 14.70 -18.75 16.86
C ALA A 159 15.51 -19.12 15.61
N GLU A 160 16.63 -19.80 15.80
CA GLU A 160 17.44 -20.20 14.65
C GLU A 160 16.78 -21.35 13.93
N LYS A 161 16.43 -22.39 14.69
CA LYS A 161 15.80 -23.58 14.12
C LYS A 161 14.56 -23.27 13.32
N PHE A 162 13.74 -22.32 13.79
CA PHE A 162 12.52 -21.97 13.05
C PHE A 162 12.58 -20.61 12.33
N GLN A 163 13.81 -20.12 12.19
CA GLN A 163 14.21 -18.94 11.48
C GLN A 163 13.28 -17.78 11.73
N GLY A 164 13.21 -17.40 13.00
CA GLY A 164 12.32 -16.31 13.36
C GLY A 164 12.22 -16.08 14.85
N ALA A 165 11.92 -14.85 15.23
CA ALA A 165 11.81 -14.49 16.65
C ALA A 165 10.40 -14.70 17.16
N TRP A 166 10.28 -15.21 18.38
CA TRP A 166 8.98 -15.48 18.95
C TRP A 166 9.10 -15.68 20.45
N TRP A 167 7.97 -15.87 21.10
CA TRP A 167 7.94 -16.12 22.54
C TRP A 167 7.96 -17.65 22.67
N TYR A 168 9.11 -18.22 22.34
CA TYR A 168 9.33 -19.66 22.39
C TYR A 168 9.54 -20.21 23.80
N ALA A 169 9.12 -21.46 23.98
CA ALA A 169 9.32 -22.20 25.22
C ALA A 169 10.00 -23.45 24.68
N ASP A 170 9.20 -24.49 24.43
CA ASP A 170 9.73 -25.73 23.89
C ASP A 170 9.19 -25.87 22.46
N CYS A 171 9.87 -25.22 21.53
CA CYS A 171 9.49 -25.16 20.11
C CYS A 171 9.44 -26.45 19.31
N HIS A 172 8.40 -26.56 18.49
CA HIS A 172 8.20 -27.73 17.65
C HIS A 172 7.79 -27.34 16.23
N ALA A 173 7.40 -26.08 16.03
CA ALA A 173 7.01 -25.62 14.70
C ALA A 173 7.25 -24.12 14.50
N SER A 174 7.29 -23.70 13.24
CA SER A 174 7.50 -22.29 12.91
C SER A 174 6.26 -21.47 13.24
N ASN A 175 6.39 -20.15 13.16
CA ASN A 175 5.31 -19.24 13.51
C ASN A 175 5.20 -18.04 12.57
N LEU A 176 4.31 -17.12 12.92
CA LEU A 176 4.06 -15.94 12.11
C LEU A 176 5.27 -15.07 11.79
N ASN A 177 6.34 -15.19 12.59
CA ASN A 177 7.56 -14.41 12.34
C ASN A 177 8.63 -15.25 11.66
N GLY A 178 8.25 -16.45 11.22
CA GLY A 178 9.18 -17.33 10.55
C GLY A 178 9.40 -16.95 9.10
N LEU A 179 10.20 -17.76 8.41
CA LEU A 179 10.50 -17.53 7.01
C LEU A 179 9.23 -17.66 6.17
N TYR A 180 8.98 -16.68 5.31
CA TYR A 180 7.81 -16.71 4.46
C TYR A 180 8.11 -17.69 3.32
N LEU A 181 7.66 -18.93 3.48
CA LEU A 181 7.92 -19.96 2.47
C LEU A 181 7.30 -19.68 1.10
N MET A 182 8.06 -19.98 0.06
CA MET A 182 7.61 -19.78 -1.32
C MET A 182 7.73 -21.06 -2.13
N GLY A 183 6.71 -21.33 -2.95
CA GLY A 183 6.71 -22.52 -3.78
C GLY A 183 6.80 -23.82 -3.00
N ALA A 189 4.12 -26.66 2.56
CA ALA A 189 3.70 -25.44 3.29
C ALA A 189 4.27 -24.19 2.63
N ASN A 190 3.48 -23.12 2.61
CA ASN A 190 3.92 -21.87 2.01
C ASN A 190 3.55 -20.76 3.00
N GLY A 191 4.06 -19.55 2.77
CA GLY A 191 3.75 -18.44 3.66
C GLY A 191 4.22 -18.72 5.08
N ILE A 192 3.40 -18.37 6.07
CA ILE A 192 3.78 -18.62 7.45
C ILE A 192 2.80 -19.52 8.16
N ASN A 193 3.25 -20.11 9.26
CA ASN A 193 2.46 -21.07 10.01
C ASN A 193 1.80 -20.60 11.30
N TRP A 194 0.63 -21.17 11.56
CA TRP A 194 -0.12 -20.90 12.77
C TRP A 194 -1.00 -22.13 12.97
N SER A 195 -0.65 -22.96 13.94
CA SER A 195 -1.41 -24.18 14.21
C SER A 195 -1.57 -24.42 15.70
N ALA A 196 -2.74 -24.95 16.08
CA ALA A 196 -3.03 -25.25 17.48
C ALA A 196 -2.82 -26.74 17.76
N ALA A 197 -2.58 -27.51 16.70
CA ALA A 197 -2.36 -28.94 16.82
C ALA A 197 -0.92 -29.27 16.47
N LYS A 198 -0.17 -29.78 17.45
CA LYS A 198 1.22 -30.14 17.24
C LYS A 198 1.32 -31.24 16.18
N GLY A 199 2.27 -31.08 15.27
CA GLY A 199 2.46 -32.07 14.22
C GLY A 199 1.70 -31.73 12.95
N TYR A 200 0.91 -30.66 13.00
CA TYR A 200 0.13 -30.25 11.83
C TYR A 200 0.33 -28.77 11.54
N LYS A 201 0.88 -28.47 10.37
CA LYS A 201 1.10 -27.08 10.00
C LYS A 201 -0.08 -26.51 9.22
N TYR A 202 -0.21 -25.20 9.27
CA TYR A 202 -1.26 -24.47 8.56
C TYR A 202 -0.57 -23.32 7.84
N SER A 203 -0.80 -23.24 6.54
CA SER A 203 -0.18 -22.22 5.70
C SER A 203 -1.05 -20.98 5.50
N TYR A 204 -0.49 -19.81 5.81
CA TYR A 204 -1.21 -18.56 5.63
C TYR A 204 -0.38 -17.59 4.81
N LYS A 205 -1.08 -16.85 3.96
CA LYS A 205 -0.47 -15.88 3.07
C LYS A 205 -0.29 -14.54 3.76
N VAL A 206 -1.27 -14.20 4.59
CA VAL A 206 -1.26 -12.93 5.31
C VAL A 206 -1.47 -13.13 6.79
N SER A 207 -0.75 -12.35 7.59
CA SER A 207 -0.91 -12.40 9.03
C SER A 207 -0.86 -10.98 9.57
N GLU A 208 -1.65 -10.74 10.60
CA GLU A 208 -1.67 -9.45 11.28
C GLU A 208 -1.93 -9.76 12.73
N MET A 209 -1.09 -9.23 13.60
CA MET A 209 -1.25 -9.40 15.04
C MET A 209 -1.58 -7.99 15.49
N LYS A 210 -2.65 -7.84 16.26
CA LYS A 210 -3.09 -6.51 16.67
C LYS A 210 -3.69 -6.49 18.07
N VAL A 211 -3.76 -5.30 18.65
CA VAL A 211 -4.29 -5.14 19.99
C VAL A 211 -5.27 -4.00 20.10
N ARG A 212 -6.12 -4.08 21.12
CA ARG A 212 -7.12 -3.06 21.36
C ARG A 212 -7.49 -3.10 22.82
N PRO A 213 -7.74 -1.94 23.43
CA PRO A 213 -8.11 -1.99 24.85
C PRO A 213 -9.36 -2.84 25.02
N ALA A 214 -9.44 -3.57 26.13
CA ALA A 214 -10.59 -4.44 26.38
C ALA A 214 -11.75 -3.63 26.94
N PHE B 2 11.60 20.68 9.42
CA PHE B 2 13.09 20.67 9.53
C PHE B 2 13.79 19.55 8.75
N PRO B 3 13.18 18.35 8.70
CA PRO B 3 13.84 17.28 7.95
C PRO B 3 14.11 17.65 6.50
N ARG B 4 15.35 17.44 6.07
CA ARG B 4 15.76 17.75 4.70
C ARG B 4 15.88 16.50 3.85
N ASN B 5 15.76 15.35 4.48
CA ASN B 5 15.87 14.08 3.79
C ASN B 5 15.48 12.95 4.72
N CYS B 6 15.46 11.73 4.20
CA CYS B 6 15.07 10.58 4.98
C CYS B 6 16.06 10.21 6.07
N LYS B 7 17.31 10.65 5.93
CA LYS B 7 18.32 10.37 6.94
C LYS B 7 17.96 11.15 8.18
N ASP B 8 17.45 12.36 8.00
CA ASP B 8 17.04 13.19 9.13
C ASP B 8 15.87 12.54 9.84
N LEU B 9 14.93 12.00 9.07
CA LEU B 9 13.76 11.34 9.64
C LEU B 9 14.17 10.09 10.41
N LEU B 10 15.05 9.29 9.82
CA LEU B 10 15.52 8.06 10.47
C LEU B 10 16.12 8.41 11.82
N ASP B 11 16.95 9.45 11.83
CA ASP B 11 17.62 9.92 13.04
C ASP B 11 16.68 10.44 14.10
N ARG B 12 15.44 10.74 13.70
CA ARG B 12 14.46 11.25 14.64
C ARG B 12 13.43 10.23 15.08
N GLY B 13 13.70 8.95 14.84
CA GLY B 13 12.80 7.91 15.28
C GLY B 13 11.91 7.21 14.27
N TYR B 14 11.93 7.62 13.01
CA TYR B 14 11.10 6.96 12.01
C TYR B 14 11.86 5.74 11.53
N PHE B 15 11.55 4.60 12.12
CA PHE B 15 12.22 3.34 11.82
C PHE B 15 11.55 2.49 10.76
N LEU B 16 10.31 2.78 10.43
CA LEU B 16 9.63 2.01 9.40
C LEU B 16 9.65 2.76 8.09
N SER B 17 9.83 2.03 6.99
CA SER B 17 9.83 2.66 5.69
C SER B 17 8.44 3.24 5.47
N GLY B 18 8.37 4.34 4.73
CA GLY B 18 7.09 4.97 4.50
C GLY B 18 7.25 6.36 3.93
N TRP B 19 6.13 6.99 3.60
CA TRP B 19 6.14 8.32 3.02
C TRP B 19 6.14 9.38 4.11
N HIS B 20 6.98 10.39 3.93
CA HIS B 20 7.12 11.48 4.89
C HIS B 20 7.45 12.76 4.16
N THR B 21 7.19 13.88 4.82
CA THR B 21 7.46 15.19 4.26
C THR B 21 8.86 15.64 4.64
N ILE B 22 9.65 16.02 3.64
CA ILE B 22 10.98 16.56 3.90
C ILE B 22 10.93 17.93 3.25
N TYR B 23 11.92 18.76 3.54
CA TYR B 23 11.92 20.10 2.96
C TYR B 23 13.16 20.28 2.08
N LEU B 24 12.92 20.62 0.82
CA LEU B 24 13.99 20.81 -0.15
C LEU B 24 14.77 22.09 0.14
N PRO B 25 15.87 22.31 -0.60
CA PRO B 25 16.67 23.51 -0.39
C PRO B 25 15.85 24.81 -0.46
N ASP B 26 14.91 24.87 -1.39
CA ASP B 26 14.09 26.06 -1.53
C ASP B 26 13.01 26.09 -0.46
N CYS B 27 13.12 25.17 0.49
CA CYS B 27 12.17 25.05 1.60
C CYS B 27 10.78 24.55 1.24
N ARG B 28 10.55 24.18 -0.02
CA ARG B 28 9.22 23.68 -0.35
C ARG B 28 9.12 22.24 0.17
N PRO B 29 7.95 21.87 0.69
CA PRO B 29 7.79 20.51 1.20
C PRO B 29 7.65 19.50 0.07
N LEU B 30 8.14 18.29 0.32
CA LEU B 30 8.06 17.21 -0.65
C LEU B 30 7.81 15.92 0.12
N THR B 31 6.76 15.20 -0.24
CA THR B 31 6.46 13.95 0.43
C THR B 31 7.26 12.89 -0.35
N VAL B 32 8.14 12.20 0.36
CA VAL B 32 8.99 11.21 -0.27
C VAL B 32 8.90 9.87 0.44
N LEU B 33 9.31 8.83 -0.27
CA LEU B 33 9.31 7.48 0.28
C LEU B 33 10.67 7.21 0.91
N CYS B 34 10.66 6.97 2.21
CA CYS B 34 11.89 6.69 2.94
C CYS B 34 12.09 5.21 3.17
N ASP B 35 13.25 4.70 2.78
CA ASP B 35 13.55 3.31 3.03
C ASP B 35 14.38 3.37 4.31
N MET B 36 13.76 2.95 5.41
CA MET B 36 14.39 2.98 6.72
C MET B 36 14.97 1.64 7.10
N ASP B 37 14.83 0.67 6.20
CA ASP B 37 15.28 -0.69 6.48
C ASP B 37 16.57 -1.10 5.80
N THR B 38 16.62 -0.93 4.48
CA THR B 38 17.79 -1.33 3.71
C THR B 38 19.09 -0.60 4.00
N ASP B 39 20.15 -1.39 4.22
CA ASP B 39 21.50 -0.87 4.42
C ASP B 39 21.61 0.36 5.32
N GLY B 40 21.18 0.23 6.57
CA GLY B 40 21.27 1.35 7.49
C GLY B 40 20.08 2.28 7.48
N GLY B 41 19.24 2.17 6.46
CA GLY B 41 18.06 3.03 6.38
C GLY B 41 18.37 4.48 6.09
N GLY B 42 17.34 5.30 5.99
CA GLY B 42 17.53 6.71 5.73
C GLY B 42 17.68 7.03 4.26
N TRP B 43 17.26 6.10 3.41
CA TRP B 43 17.34 6.29 1.97
C TRP B 43 16.08 6.95 1.43
N THR B 44 16.24 7.91 0.53
CA THR B 44 15.11 8.57 -0.09
C THR B 44 14.91 7.90 -1.44
N VAL B 45 13.79 7.20 -1.59
CA VAL B 45 13.52 6.49 -2.84
C VAL B 45 12.94 7.40 -3.91
N PHE B 46 13.62 7.50 -5.06
CA PHE B 46 13.12 8.36 -6.13
C PHE B 46 12.55 7.61 -7.33
N GLN B 47 12.69 6.28 -7.32
CA GLN B 47 12.12 5.47 -8.40
C GLN B 47 11.71 4.13 -7.83
N ARG B 48 10.52 3.68 -8.20
CA ARG B 48 10.06 2.38 -7.73
C ARG B 48 9.19 1.73 -8.80
N ARG B 49 9.51 0.48 -9.13
CA ARG B 49 8.75 -0.31 -10.11
C ARG B 49 8.46 -1.59 -9.34
N MET B 50 7.30 -2.20 -9.57
CA MET B 50 6.96 -3.44 -8.88
C MET B 50 5.96 -4.32 -9.60
N ASP B 51 5.17 -3.75 -10.51
CA ASP B 51 4.16 -4.55 -11.20
C ASP B 51 3.80 -4.10 -12.61
N GLY B 52 4.39 -2.99 -13.06
CA GLY B 52 4.09 -2.51 -14.40
C GLY B 52 2.76 -1.80 -14.52
N SER B 53 2.20 -1.40 -13.39
CA SER B 53 0.91 -0.71 -13.38
C SER B 53 1.02 0.74 -13.85
N VAL B 54 2.21 1.31 -13.76
CA VAL B 54 2.41 2.69 -14.17
C VAL B 54 3.18 2.80 -15.49
N ASP B 55 2.68 3.67 -16.36
CA ASP B 55 3.30 3.90 -17.65
C ASP B 55 4.51 4.80 -17.44
N PHE B 56 5.69 4.31 -17.78
CA PHE B 56 6.91 5.08 -17.62
C PHE B 56 7.40 5.70 -18.93
N TYR B 57 6.73 5.38 -20.02
CA TYR B 57 7.13 5.93 -21.31
C TYR B 57 6.53 7.32 -21.43
N ARG B 58 7.12 8.27 -20.68
CA ARG B 58 6.63 9.64 -20.66
C ARG B 58 7.60 10.67 -21.18
N ASP B 59 7.09 11.88 -21.42
CA ASP B 59 7.91 12.96 -21.94
C ASP B 59 8.76 13.67 -20.90
N TRP B 60 9.52 14.66 -21.38
CA TRP B 60 10.41 15.44 -20.55
C TRP B 60 9.70 16.12 -19.39
N ALA B 61 8.53 16.69 -19.67
CA ALA B 61 7.77 17.40 -18.65
C ALA B 61 7.37 16.45 -17.52
N ALA B 62 6.91 15.25 -17.89
CA ALA B 62 6.50 14.26 -16.91
C ALA B 62 7.67 13.85 -16.02
N TYR B 63 8.80 13.52 -16.65
CA TYR B 63 9.97 13.11 -15.88
C TYR B 63 10.50 14.26 -15.04
N LYS B 64 10.31 15.48 -15.54
CA LYS B 64 10.77 16.68 -14.84
C LYS B 64 10.00 16.86 -13.53
N GLN B 65 8.69 16.70 -13.59
CA GLN B 65 7.86 16.90 -12.40
C GLN B 65 7.70 15.67 -11.52
N GLY B 66 7.69 14.50 -12.14
CA GLY B 66 7.49 13.27 -11.39
C GLY B 66 6.11 12.72 -11.73
N PHE B 67 5.91 11.43 -11.50
CA PHE B 67 4.63 10.82 -11.82
C PHE B 67 4.52 9.46 -11.13
N GLY B 68 3.30 8.94 -11.06
CA GLY B 68 3.12 7.65 -10.44
C GLY B 68 2.27 7.74 -9.20
N SER B 69 2.35 6.71 -8.36
CA SER B 69 1.57 6.66 -7.13
C SER B 69 2.40 6.28 -5.91
N GLN B 70 2.12 6.94 -4.80
CA GLN B 70 2.82 6.64 -3.56
C GLN B 70 2.49 5.22 -3.12
N LEU B 71 1.35 4.72 -3.57
CA LEU B 71 0.95 3.36 -3.21
C LEU B 71 1.61 2.31 -4.07
N GLY B 72 2.31 2.75 -5.12
CA GLY B 72 2.97 1.81 -5.99
C GLY B 72 4.22 2.31 -6.68
N GLU B 73 4.14 2.35 -8.01
CA GLU B 73 5.25 2.76 -8.85
C GLU B 73 5.29 4.26 -9.08
N PHE B 74 6.49 4.83 -9.14
CA PHE B 74 6.60 6.26 -9.35
C PHE B 74 8.00 6.66 -9.77
N TRP B 75 8.10 7.91 -10.21
CA TRP B 75 9.36 8.55 -10.57
C TRP B 75 9.20 9.85 -9.79
N LEU B 76 10.05 10.10 -8.81
CA LEU B 76 9.90 11.28 -7.96
C LEU B 76 9.98 12.62 -8.69
N GLY B 77 10.65 12.64 -9.85
CA GLY B 77 10.75 13.89 -10.60
C GLY B 77 12.19 14.36 -10.66
N ASN B 78 12.64 14.70 -11.86
CA ASN B 78 14.01 15.14 -12.03
C ASN B 78 14.38 16.41 -11.26
N ASP B 79 13.46 17.36 -11.17
CA ASP B 79 13.77 18.56 -10.42
C ASP B 79 13.97 18.19 -8.96
N ASN B 80 13.14 17.29 -8.45
CA ASN B 80 13.22 16.85 -7.07
C ASN B 80 14.50 16.05 -6.83
N ILE B 81 14.85 15.18 -7.77
CA ILE B 81 16.06 14.37 -7.63
C ILE B 81 17.26 15.29 -7.62
N HIS B 82 17.26 16.28 -8.50
CA HIS B 82 18.37 17.23 -8.52
C HIS B 82 18.42 17.94 -7.17
N ALA B 83 17.28 18.43 -6.72
CA ALA B 83 17.20 19.13 -5.44
C ALA B 83 17.72 18.27 -4.30
N LEU B 84 17.38 16.99 -4.30
CA LEU B 84 17.81 16.07 -3.25
C LEU B 84 19.30 15.77 -3.26
N THR B 85 19.96 15.96 -4.40
CA THR B 85 21.38 15.66 -4.51
C THR B 85 22.27 16.86 -4.84
N ALA B 86 21.67 18.03 -4.90
CA ALA B 86 22.40 19.26 -5.22
C ALA B 86 23.43 19.69 -4.17
N GLN B 87 23.18 19.35 -2.91
CA GLN B 87 24.09 19.73 -1.83
C GLN B 87 24.89 18.57 -1.26
N GLY B 88 26.11 18.86 -0.84
CA GLY B 88 26.96 17.83 -0.26
C GLY B 88 27.14 16.64 -1.19
N SER B 89 27.40 15.47 -0.60
CA SER B 89 27.59 14.25 -1.36
C SER B 89 26.52 13.22 -1.00
N SER B 90 26.05 12.48 -1.99
CA SER B 90 25.02 11.47 -1.76
C SER B 90 25.37 10.13 -2.38
N GLU B 91 24.98 9.06 -1.69
CA GLU B 91 25.22 7.71 -2.18
C GLU B 91 23.98 7.28 -2.93
N LEU B 92 24.17 6.40 -3.90
CA LEU B 92 23.06 5.87 -4.69
C LEU B 92 23.00 4.38 -4.46
N ARG B 93 21.78 3.89 -4.29
CA ARG B 93 21.59 2.48 -4.09
C ARG B 93 20.46 2.05 -5.01
N VAL B 94 20.66 0.93 -5.68
CA VAL B 94 19.65 0.39 -6.57
C VAL B 94 19.29 -0.96 -5.96
N ASP B 95 18.06 -1.09 -5.51
CA ASP B 95 17.62 -2.34 -4.93
C ASP B 95 16.67 -3.02 -5.88
N LEU B 96 16.97 -4.28 -6.17
CA LEU B 96 16.16 -5.04 -7.11
C LEU B 96 15.73 -6.36 -6.52
N VAL B 97 14.63 -6.88 -7.06
CA VAL B 97 14.10 -8.16 -6.64
C VAL B 97 13.73 -8.91 -7.92
N ASP B 98 14.35 -10.07 -8.15
CA ASP B 98 14.05 -10.83 -9.34
C ASP B 98 12.66 -11.45 -9.18
N PHE B 99 12.23 -12.21 -10.18
CA PHE B 99 10.89 -12.80 -10.12
C PHE B 99 10.70 -13.99 -9.19
N GLU B 100 11.72 -14.29 -8.39
CA GLU B 100 11.62 -15.40 -7.44
C GLU B 100 11.76 -14.96 -6.00
N GLY B 101 12.05 -13.68 -5.79
CA GLY B 101 12.20 -13.16 -4.45
C GLY B 101 13.63 -12.87 -4.05
N ASN B 102 14.55 -13.01 -5.00
CA ASN B 102 15.95 -12.75 -4.72
C ASN B 102 16.28 -11.27 -4.79
N HIS B 103 16.64 -10.70 -3.64
CA HIS B 103 16.99 -9.28 -3.56
C HIS B 103 18.44 -9.11 -3.97
N GLN B 104 18.69 -8.17 -4.88
CA GLN B 104 20.04 -7.88 -5.32
C GLN B 104 20.19 -6.38 -5.32
N PHE B 105 21.41 -5.88 -5.28
CA PHE B 105 21.60 -4.44 -5.24
C PHE B 105 22.89 -3.98 -5.90
N ALA B 106 22.96 -2.68 -6.14
CA ALA B 106 24.14 -2.03 -6.71
C ALA B 106 24.25 -0.76 -5.90
N LYS B 107 25.47 -0.43 -5.46
CA LYS B 107 25.65 0.76 -4.65
C LYS B 107 26.79 1.62 -5.21
N TYR B 108 26.55 2.92 -5.30
CA TYR B 108 27.55 3.85 -5.81
C TYR B 108 27.89 4.88 -4.74
N LYS B 109 29.19 5.16 -4.58
CA LYS B 109 29.65 6.10 -3.56
C LYS B 109 29.17 7.53 -3.72
N SER B 110 29.07 7.97 -4.97
CA SER B 110 28.63 9.32 -5.24
C SER B 110 27.56 9.31 -6.31
N PHE B 111 26.52 10.12 -6.11
CA PHE B 111 25.43 10.21 -7.06
C PHE B 111 24.80 11.58 -7.01
N LYS B 112 24.59 12.16 -8.17
CA LYS B 112 23.98 13.46 -8.27
C LYS B 112 23.37 13.59 -9.64
N VAL B 113 22.27 14.34 -9.72
CA VAL B 113 21.59 14.60 -10.96
C VAL B 113 21.66 16.12 -11.08
N ALA B 114 22.27 16.60 -12.15
CA ALA B 114 22.42 18.04 -12.35
C ALA B 114 21.06 18.68 -12.62
N ASP B 115 21.03 20.01 -12.70
CA ASP B 115 19.77 20.70 -12.94
C ASP B 115 19.32 20.52 -14.38
N GLU B 116 18.14 21.04 -14.69
CA GLU B 116 17.56 20.91 -16.03
C GLU B 116 18.40 21.56 -17.12
N ALA B 117 19.06 22.67 -16.81
CA ALA B 117 19.89 23.35 -17.80
C ALA B 117 20.95 22.36 -18.29
N GLU B 118 21.41 21.51 -17.38
CA GLU B 118 22.41 20.50 -17.71
C GLU B 118 21.73 19.19 -18.11
N LYS B 119 20.48 19.29 -18.53
CA LYS B 119 19.69 18.14 -18.96
C LYS B 119 19.70 17.03 -17.93
N TYR B 120 19.67 17.40 -16.65
CA TYR B 120 19.65 16.43 -15.55
C TYR B 120 20.77 15.41 -15.73
N LYS B 121 21.94 15.91 -16.09
CA LYS B 121 23.11 15.07 -16.32
C LYS B 121 23.39 14.19 -15.11
N LEU B 122 23.82 12.97 -15.39
CA LEU B 122 24.15 12.01 -14.35
C LEU B 122 25.58 12.19 -13.88
N VAL B 123 25.75 12.39 -12.58
CA VAL B 123 27.06 12.53 -11.98
C VAL B 123 27.17 11.32 -11.08
N LEU B 124 27.92 10.33 -11.52
CA LEU B 124 28.02 9.09 -10.76
C LEU B 124 29.43 8.75 -10.27
N GLY B 125 29.53 8.42 -8.99
CA GLY B 125 30.80 8.06 -8.40
C GLY B 125 31.12 6.59 -8.62
N ALA B 126 32.04 6.06 -7.83
CA ALA B 126 32.47 4.67 -7.96
C ALA B 126 31.45 3.63 -7.48
N PHE B 127 31.45 2.49 -8.16
CA PHE B 127 30.59 1.37 -7.83
C PHE B 127 31.17 0.75 -6.57
N VAL B 128 30.50 0.95 -5.45
CA VAL B 128 30.95 0.42 -4.16
C VAL B 128 30.75 -1.09 -4.06
N GLY B 129 29.84 -1.61 -4.87
CA GLY B 129 29.58 -3.03 -4.84
C GLY B 129 28.11 -3.37 -5.05
N GLY B 130 27.78 -4.64 -4.90
CA GLY B 130 26.41 -5.07 -5.08
C GLY B 130 26.29 -6.36 -5.88
N SER B 131 25.35 -7.20 -5.46
CA SER B 131 25.12 -8.48 -6.12
C SER B 131 24.54 -8.33 -7.52
N ALA B 132 23.95 -7.17 -7.80
CA ALA B 132 23.34 -6.94 -9.10
C ALA B 132 24.31 -6.50 -10.19
N GLY B 133 25.52 -6.14 -9.81
CA GLY B 133 26.49 -5.70 -10.80
C GLY B 133 26.25 -4.28 -11.25
N ASN B 134 27.32 -3.63 -11.72
CA ASN B 134 27.26 -2.23 -12.16
C ASN B 134 26.65 -2.05 -13.54
N SER B 135 25.33 -1.83 -13.59
CA SER B 135 24.65 -1.64 -14.87
C SER B 135 24.74 -0.19 -15.33
N LEU B 136 25.06 0.71 -14.41
CA LEU B 136 25.19 2.13 -14.75
C LEU B 136 26.64 2.43 -15.12
N THR B 137 27.41 1.37 -15.32
CA THR B 137 28.82 1.48 -15.67
C THR B 137 29.05 2.33 -16.89
N GLY B 138 29.87 3.36 -16.74
CA GLY B 138 30.17 4.23 -17.87
C GLY B 138 29.07 5.19 -18.28
N HIS B 139 28.12 5.44 -17.38
CA HIS B 139 27.04 6.36 -17.72
C HIS B 139 27.29 7.74 -17.12
N ASN B 140 28.37 7.87 -16.35
CA ASN B 140 28.68 9.16 -15.75
C ASN B 140 28.74 10.24 -16.82
N ASN B 141 28.27 11.43 -16.46
CA ASN B 141 28.27 12.58 -17.35
C ASN B 141 27.28 12.51 -18.51
N ASN B 142 26.46 11.46 -18.56
CA ASN B 142 25.47 11.32 -19.62
C ASN B 142 24.25 12.20 -19.33
N PHE B 143 23.64 12.73 -20.38
CA PHE B 143 22.46 13.56 -20.22
C PHE B 143 21.24 12.66 -20.09
N PHE B 144 20.17 13.20 -19.53
CA PHE B 144 18.93 12.44 -19.40
C PHE B 144 18.19 12.69 -20.70
N SER B 145 17.53 11.66 -21.20
CA SER B 145 16.76 11.75 -22.45
C SER B 145 15.39 11.13 -22.30
N THR B 146 14.41 11.76 -22.95
CA THR B 146 13.04 11.27 -22.95
C THR B 146 12.65 11.12 -24.42
N LYS B 147 11.52 10.49 -24.67
CA LYS B 147 11.09 10.28 -26.04
C LYS B 147 11.01 11.56 -26.87
N ASP B 148 10.67 12.66 -26.24
CA ASP B 148 10.54 13.95 -26.92
C ASP B 148 11.75 14.86 -26.74
N GLN B 149 12.78 14.35 -26.07
CA GLN B 149 13.99 15.12 -25.85
C GLN B 149 15.19 14.20 -25.95
N ASP B 150 15.73 14.08 -27.16
CA ASP B 150 16.88 13.22 -27.43
C ASP B 150 18.19 13.92 -27.10
N ASN B 151 18.78 13.56 -25.96
CA ASN B 151 20.03 14.16 -25.54
C ASN B 151 21.18 13.13 -25.52
N ASP B 152 20.96 12.00 -26.17
CA ASP B 152 21.97 10.95 -26.23
C ASP B 152 22.95 11.20 -27.37
N VAL B 153 23.93 10.32 -27.54
CA VAL B 153 24.92 10.48 -28.61
C VAL B 153 24.69 9.51 -29.77
N SER B 154 23.78 8.56 -29.58
CA SER B 154 23.47 7.59 -30.63
C SER B 154 22.71 8.26 -31.77
N SER B 155 22.85 7.72 -32.98
CA SER B 155 22.18 8.29 -34.14
C SER B 155 20.67 8.18 -33.98
N SER B 156 20.22 7.12 -33.31
CA SER B 156 18.79 6.91 -33.10
C SER B 156 18.29 7.56 -31.81
N ASN B 157 16.98 7.50 -31.60
CA ASN B 157 16.33 8.06 -30.42
C ASN B 157 16.26 6.98 -29.35
N CYS B 158 17.30 6.90 -28.53
CA CYS B 158 17.38 5.91 -27.47
C CYS B 158 16.14 5.73 -26.59
N ALA B 159 15.58 6.84 -26.11
CA ALA B 159 14.39 6.76 -25.27
C ALA B 159 13.25 6.06 -25.97
N GLU B 160 13.05 6.36 -27.25
CA GLU B 160 11.98 5.74 -28.02
C GLU B 160 12.30 4.29 -28.33
N LYS B 161 13.53 4.05 -28.79
CA LYS B 161 13.96 2.71 -29.13
C LYS B 161 13.82 1.74 -27.95
N PHE B 162 14.14 2.21 -26.74
CA PHE B 162 14.02 1.34 -25.58
C PHE B 162 12.87 1.70 -24.66
N GLN B 163 11.98 2.55 -25.18
CA GLN B 163 10.76 2.99 -24.52
C GLN B 163 10.90 3.22 -23.01
N GLY B 164 11.63 4.29 -22.71
CA GLY B 164 11.89 4.66 -21.34
C GLY B 164 12.91 5.77 -21.31
N ALA B 165 12.81 6.64 -20.32
CA ALA B 165 13.74 7.76 -20.17
C ALA B 165 14.90 7.32 -19.31
N TRP B 166 16.10 7.73 -19.69
CA TRP B 166 17.29 7.33 -18.94
C TRP B 166 18.47 8.17 -19.38
N TRP B 167 19.61 7.96 -18.74
CA TRP B 167 20.83 8.68 -19.08
C TRP B 167 21.51 7.85 -20.15
N TYR B 168 20.96 7.93 -21.35
CA TYR B 168 21.47 7.19 -22.49
C TYR B 168 22.70 7.83 -23.12
N ALA B 169 23.60 6.98 -23.60
CA ALA B 169 24.81 7.41 -24.29
C ALA B 169 24.54 6.92 -25.71
N ASP B 170 25.00 5.72 -26.01
CA ASP B 170 24.74 5.09 -27.31
C ASP B 170 24.06 3.79 -26.94
N CYS B 171 22.77 3.90 -26.62
CA CYS B 171 21.98 2.75 -26.17
C CYS B 171 22.22 1.39 -26.80
N HIS B 172 22.07 0.36 -25.96
CA HIS B 172 22.24 -1.03 -26.36
C HIS B 172 21.22 -1.91 -25.66
N ALA B 173 20.63 -1.41 -24.56
CA ALA B 173 19.67 -2.20 -23.81
C ALA B 173 18.64 -1.37 -23.06
N SER B 174 17.59 -2.04 -22.58
CA SER B 174 16.54 -1.38 -21.82
C SER B 174 17.02 -1.18 -20.39
N ASN B 175 16.31 -0.36 -19.63
CA ASN B 175 16.70 -0.07 -18.26
C ASN B 175 15.54 -0.07 -17.29
N LEU B 176 15.82 0.35 -16.06
CA LEU B 176 14.82 0.38 -15.00
C LEU B 176 13.60 1.24 -15.30
N ASN B 177 13.71 2.16 -16.26
CA ASN B 177 12.57 3.01 -16.62
C ASN B 177 11.94 2.57 -17.93
N GLY B 178 12.32 1.38 -18.39
CA GLY B 178 11.79 0.85 -19.62
C GLY B 178 10.45 0.16 -19.45
N LEU B 179 9.96 -0.44 -20.54
CA LEU B 179 8.67 -1.13 -20.51
C LEU B 179 8.73 -2.31 -19.54
N TYR B 180 7.71 -2.43 -18.72
CA TYR B 180 7.65 -3.53 -17.75
C TYR B 180 6.99 -4.71 -18.47
N LEU B 181 7.82 -5.65 -18.92
CA LEU B 181 7.34 -6.81 -19.64
C LEU B 181 6.54 -7.78 -18.76
N ALA B 189 11.67 -12.49 -21.35
CA ALA B 189 11.91 -11.92 -19.99
C ALA B 189 10.78 -10.98 -19.60
N ASN B 190 10.53 -10.88 -18.30
CA ASN B 190 9.46 -10.02 -17.79
C ASN B 190 10.05 -8.88 -16.97
N GLY B 191 9.18 -7.98 -16.52
CA GLY B 191 9.65 -6.86 -15.71
C GLY B 191 10.66 -5.99 -16.43
N ILE B 192 11.55 -5.38 -15.64
CA ILE B 192 12.55 -4.49 -16.19
C ILE B 192 13.97 -5.03 -16.09
N ASN B 193 14.84 -4.50 -16.95
CA ASN B 193 16.22 -4.97 -17.03
C ASN B 193 17.29 -4.10 -16.37
N TRP B 194 18.29 -4.78 -15.82
CA TRP B 194 19.44 -4.16 -15.18
C TRP B 194 20.62 -5.10 -15.44
N SER B 195 21.52 -4.67 -16.32
CA SER B 195 22.71 -5.43 -16.72
C SER B 195 23.16 -6.52 -15.75
N TYR B 202 19.40 -9.32 -17.57
CA TYR B 202 18.77 -9.78 -16.29
C TYR B 202 17.48 -9.02 -16.02
N SER B 203 16.40 -9.77 -15.86
CA SER B 203 15.09 -9.19 -15.62
C SER B 203 14.72 -9.15 -14.15
N TYR B 204 14.10 -8.05 -13.72
CA TYR B 204 13.68 -7.90 -12.34
C TYR B 204 12.22 -7.51 -12.21
N LYS B 205 11.61 -7.96 -11.12
CA LYS B 205 10.21 -7.69 -10.85
C LYS B 205 10.02 -6.39 -10.08
N VAL B 206 10.99 -6.07 -9.22
CA VAL B 206 10.93 -4.87 -8.41
C VAL B 206 12.22 -4.09 -8.47
N SER B 207 12.10 -2.76 -8.54
CA SER B 207 13.27 -1.92 -8.58
C SER B 207 13.02 -0.69 -7.74
N GLU B 208 14.06 -0.23 -7.05
CA GLU B 208 13.97 0.98 -6.26
C GLU B 208 15.32 1.65 -6.40
N MET B 209 15.30 2.93 -6.73
CA MET B 209 16.55 3.68 -6.84
C MET B 209 16.43 4.66 -5.69
N LYS B 210 17.45 4.75 -4.86
CA LYS B 210 17.37 5.63 -3.70
C LYS B 210 18.69 6.31 -3.38
N VAL B 211 18.60 7.41 -2.65
CA VAL B 211 19.77 8.19 -2.29
C VAL B 211 19.81 8.54 -0.81
N ARG B 212 21.01 8.82 -0.33
CA ARG B 212 21.21 9.15 1.07
C ARG B 212 22.48 9.97 1.16
N PRO B 213 22.46 11.06 1.92
CA PRO B 213 23.69 11.85 2.01
C PRO B 213 24.82 11.03 2.62
N ALA B 214 26.01 11.15 2.05
CA ALA B 214 27.16 10.40 2.55
C ALA B 214 27.92 11.26 3.56
N PRO C 3 -7.52 22.77 0.83
CA PRO C 3 -7.95 21.99 -0.35
C PRO C 3 -9.29 21.32 -0.06
N ARG C 4 -10.22 21.41 -1.01
CA ARG C 4 -11.53 20.82 -0.84
C ARG C 4 -11.67 19.52 -1.63
N ASN C 5 -10.65 19.21 -2.42
CA ASN C 5 -10.66 18.00 -3.21
C ASN C 5 -9.27 17.74 -3.76
N CYS C 6 -9.13 16.65 -4.50
CA CYS C 6 -7.85 16.29 -5.07
C CYS C 6 -7.40 17.21 -6.18
N LYS C 7 -8.36 17.89 -6.81
CA LYS C 7 -8.03 18.80 -7.88
C LYS C 7 -7.25 19.98 -7.27
N ASP C 8 -7.68 20.43 -6.10
CA ASP C 8 -6.99 21.53 -5.42
C ASP C 8 -5.59 21.08 -5.04
N LEU C 9 -5.47 19.82 -4.61
CA LEU C 9 -4.18 19.28 -4.23
C LEU C 9 -3.27 19.23 -5.44
N LEU C 10 -3.78 18.72 -6.56
CA LEU C 10 -3.00 18.64 -7.79
C LEU C 10 -2.45 20.02 -8.11
N ASP C 11 -3.32 21.02 -8.10
CA ASP C 11 -2.93 22.40 -8.39
C ASP C 11 -1.93 22.91 -7.36
N ARG C 12 -1.96 22.30 -6.18
CA ARG C 12 -1.08 22.69 -5.10
C ARG C 12 0.31 22.08 -5.27
N GLY C 13 0.47 21.24 -6.28
CA GLY C 13 1.77 20.64 -6.52
C GLY C 13 1.91 19.16 -6.18
N TYR C 14 0.85 18.55 -5.68
CA TYR C 14 0.90 17.13 -5.33
C TYR C 14 0.73 16.32 -6.61
N PHE C 15 1.86 15.95 -7.21
CA PHE C 15 1.87 15.23 -8.48
C PHE C 15 1.77 13.71 -8.37
N LEU C 16 2.01 13.16 -7.19
CA LEU C 16 1.92 11.71 -7.02
C LEU C 16 0.59 11.31 -6.41
N SER C 17 0.01 10.23 -6.91
CA SER C 17 -1.25 9.75 -6.38
C SER C 17 -0.98 9.33 -4.94
N GLY C 18 -1.98 9.38 -4.09
CA GLY C 18 -1.78 9.01 -2.71
C GLY C 18 -2.83 9.63 -1.83
N TRP C 19 -2.79 9.31 -0.54
CA TRP C 19 -3.76 9.82 0.41
C TRP C 19 -3.41 11.20 0.94
N HIS C 20 -4.41 12.07 0.97
CA HIS C 20 -4.24 13.43 1.46
C HIS C 20 -5.50 13.84 2.17
N THR C 21 -5.37 14.81 3.06
CA THR C 21 -6.53 15.28 3.79
C THR C 21 -7.16 16.42 2.99
N ILE C 22 -8.48 16.42 2.93
CA ILE C 22 -9.22 17.48 2.24
C ILE C 22 -10.28 17.85 3.25
N TYR C 23 -10.96 18.98 3.04
CA TYR C 23 -12.01 19.37 3.96
C TYR C 23 -13.35 19.51 3.28
N LEU C 24 -14.30 18.73 3.75
CA LEU C 24 -15.65 18.74 3.22
C LEU C 24 -16.22 20.14 3.46
N PRO C 25 -17.43 20.43 2.96
CA PRO C 25 -18.00 21.77 3.17
C PRO C 25 -18.01 22.21 4.65
N ASP C 26 -18.39 21.29 5.53
CA ASP C 26 -18.44 21.57 6.96
C ASP C 26 -17.04 21.67 7.57
N CYS C 27 -16.04 21.73 6.69
CA CYS C 27 -14.64 21.83 7.11
C CYS C 27 -14.12 20.62 7.88
N ARG C 28 -14.91 19.56 7.99
CA ARG C 28 -14.45 18.38 8.69
C ARG C 28 -13.43 17.71 7.78
N PRO C 29 -12.23 17.42 8.30
CA PRO C 29 -11.20 16.79 7.48
C PRO C 29 -11.55 15.36 7.06
N LEU C 30 -11.01 14.95 5.92
CA LEU C 30 -11.25 13.62 5.40
C LEU C 30 -10.03 13.22 4.59
N THR C 31 -9.45 12.07 4.92
CA THR C 31 -8.28 11.60 4.19
C THR C 31 -8.80 10.81 2.99
N VAL C 32 -8.44 11.25 1.81
CA VAL C 32 -8.89 10.61 0.58
C VAL C 32 -7.74 10.22 -0.32
N LEU C 33 -8.00 9.24 -1.19
CA LEU C 33 -7.01 8.77 -2.15
C LEU C 33 -7.15 9.62 -3.41
N CYS C 34 -6.07 10.33 -3.74
CA CYS C 34 -6.06 11.17 -4.92
C CYS C 34 -5.36 10.47 -6.06
N ASP C 35 -5.99 10.49 -7.23
CA ASP C 35 -5.37 9.91 -8.40
C ASP C 35 -4.92 11.15 -9.15
N MET C 36 -3.60 11.37 -9.15
CA MET C 36 -3.00 12.54 -9.79
C MET C 36 -2.40 12.20 -11.13
N ASP C 37 -2.52 10.95 -11.52
CA ASP C 37 -1.92 10.50 -12.76
C ASP C 37 -2.90 10.35 -13.91
N THR C 38 -3.97 9.62 -13.67
CA THR C 38 -4.96 9.34 -14.70
C THR C 38 -5.74 10.52 -15.26
N ASP C 39 -5.76 10.59 -16.58
CA ASP C 39 -6.56 11.56 -17.35
C ASP C 39 -6.52 12.91 -16.72
N GLY C 40 -5.30 13.41 -16.63
CA GLY C 40 -5.06 14.74 -16.08
C GLY C 40 -4.93 14.86 -14.57
N GLY C 41 -5.19 13.78 -13.85
CA GLY C 41 -5.08 13.83 -12.40
C GLY C 41 -6.13 14.67 -11.70
N GLY C 42 -6.05 14.72 -10.37
CA GLY C 42 -6.98 15.49 -9.59
C GLY C 42 -8.26 14.75 -9.25
N TRP C 43 -8.27 13.43 -9.44
CA TRP C 43 -9.45 12.64 -9.14
C TRP C 43 -9.47 12.16 -7.70
N THR C 44 -10.65 12.20 -7.08
CA THR C 44 -10.78 11.71 -5.70
C THR C 44 -11.38 10.32 -5.83
N VAL C 45 -10.61 9.31 -5.43
CA VAL C 45 -11.06 7.92 -5.55
C VAL C 45 -11.98 7.54 -4.39
N PHE C 46 -13.20 7.11 -4.70
CA PHE C 46 -14.11 6.72 -3.62
C PHE C 46 -14.34 5.22 -3.54
N GLN C 47 -13.83 4.47 -4.51
CA GLN C 47 -13.96 3.02 -4.49
C GLN C 47 -12.71 2.41 -5.11
N ARG C 48 -12.16 1.40 -4.46
CA ARG C 48 -11.01 0.71 -5.02
C ARG C 48 -11.08 -0.76 -4.66
N ARG C 49 -10.92 -1.61 -5.67
CA ARG C 49 -10.91 -3.07 -5.51
C ARG C 49 -9.63 -3.51 -6.21
N MET C 50 -8.98 -4.56 -5.70
CA MET C 50 -7.74 -5.00 -6.33
C MET C 50 -7.39 -6.45 -6.09
N ASP C 51 -7.94 -7.05 -5.03
CA ASP C 51 -7.59 -8.43 -4.72
C ASP C 51 -8.65 -9.21 -3.93
N GLY C 52 -9.79 -8.59 -3.66
CA GLY C 52 -10.85 -9.27 -2.93
C GLY C 52 -10.53 -9.49 -1.45
N SER C 53 -9.59 -8.72 -0.91
CA SER C 53 -9.22 -8.85 0.50
C SER C 53 -10.26 -8.24 1.44
N VAL C 54 -11.01 -7.28 0.94
CA VAL C 54 -12.03 -6.61 1.76
C VAL C 54 -13.44 -7.09 1.40
N ASP C 55 -14.23 -7.36 2.43
CA ASP C 55 -15.59 -7.83 2.23
C ASP C 55 -16.46 -6.64 1.83
N PHE C 56 -17.08 -6.70 0.67
CA PHE C 56 -17.92 -5.60 0.24
C PHE C 56 -19.40 -5.85 0.46
N TYR C 57 -19.74 -7.02 0.99
CA TYR C 57 -21.13 -7.35 1.25
C TYR C 57 -21.48 -6.79 2.61
N ARG C 58 -21.67 -5.49 2.66
CA ARG C 58 -21.96 -4.81 3.92
C ARG C 58 -23.30 -4.12 3.98
N ASP C 59 -23.66 -3.67 5.17
CA ASP C 59 -24.94 -2.99 5.39
C ASP C 59 -24.90 -1.51 5.09
N TRP C 60 -26.09 -0.89 5.15
CA TRP C 60 -26.25 0.53 4.89
C TRP C 60 -25.33 1.38 5.75
N ALA C 61 -25.20 1.02 7.02
CA ALA C 61 -24.35 1.77 7.93
C ALA C 61 -22.90 1.73 7.45
N ALA C 62 -22.47 0.57 6.98
CA ALA C 62 -21.11 0.40 6.50
C ALA C 62 -20.84 1.27 5.28
N TYR C 63 -21.70 1.17 4.28
CA TYR C 63 -21.54 1.95 3.06
C TYR C 63 -21.72 3.44 3.32
N LYS C 64 -22.50 3.76 4.35
CA LYS C 64 -22.76 5.15 4.72
C LYS C 64 -21.47 5.79 5.23
N GLN C 65 -20.79 5.08 6.13
CA GLN C 65 -19.55 5.59 6.73
C GLN C 65 -18.34 5.36 5.84
N GLY C 66 -18.32 4.20 5.20
CA GLY C 66 -17.19 3.84 4.37
C GLY C 66 -16.50 2.71 5.09
N PHE C 67 -15.70 1.92 4.40
CA PHE C 67 -15.02 0.80 5.02
C PHE C 67 -13.85 0.36 4.18
N GLY C 68 -12.97 -0.46 4.77
CA GLY C 68 -11.82 -0.92 4.03
C GLY C 68 -10.52 -0.38 4.57
N SER C 69 -9.51 -0.34 3.71
CA SER C 69 -8.18 0.11 4.12
C SER C 69 -7.52 1.03 3.12
N GLN C 70 -6.85 2.06 3.63
CA GLN C 70 -6.14 3.00 2.76
C GLN C 70 -5.01 2.26 2.06
N LEU C 71 -4.58 1.14 2.62
CA LEU C 71 -3.51 0.36 2.02
C LEU C 71 -4.03 -0.61 0.97
N GLY C 72 -5.35 -0.65 0.79
CA GLY C 72 -5.90 -1.56 -0.19
C GLY C 72 -7.26 -1.20 -0.73
N GLU C 73 -8.20 -2.11 -0.55
CA GLU C 73 -9.55 -1.91 -1.04
C GLU C 73 -10.40 -1.11 -0.06
N PHE C 74 -11.33 -0.32 -0.60
CA PHE C 74 -12.18 0.48 0.25
C PHE C 74 -13.37 1.10 -0.47
N TRP C 75 -14.31 1.57 0.33
CA TRP C 75 -15.48 2.30 -0.14
C TRP C 75 -15.38 3.53 0.75
N LEU C 76 -15.19 4.69 0.15
CA LEU C 76 -15.02 5.92 0.91
C LEU C 76 -16.19 6.35 1.80
N GLY C 77 -17.39 5.88 1.50
CA GLY C 77 -18.54 6.24 2.32
C GLY C 77 -19.50 7.15 1.58
N ASN C 78 -20.77 6.75 1.56
CA ASN C 78 -21.76 7.52 0.84
C ASN C 78 -21.92 8.97 1.32
N ASP C 79 -21.86 9.19 2.63
CA ASP C 79 -21.98 10.55 3.13
C ASP C 79 -20.82 11.36 2.56
N ASN C 80 -19.64 10.76 2.53
CA ASN C 80 -18.46 11.43 2.00
C ASN C 80 -18.59 11.66 0.50
N ILE C 81 -19.04 10.64 -0.22
CA ILE C 81 -19.21 10.74 -1.66
C ILE C 81 -20.25 11.81 -1.98
N HIS C 82 -21.32 11.85 -1.19
CA HIS C 82 -22.35 12.86 -1.41
C HIS C 82 -21.74 14.24 -1.19
N ALA C 83 -21.03 14.40 -0.07
CA ALA C 83 -20.40 15.67 0.26
C ALA C 83 -19.47 16.15 -0.85
N LEU C 84 -18.70 15.22 -1.41
CA LEU C 84 -17.76 15.53 -2.48
C LEU C 84 -18.42 15.91 -3.79
N THR C 85 -19.65 15.45 -4.02
CA THR C 85 -20.33 15.75 -5.26
C THR C 85 -21.58 16.62 -5.13
N ALA C 86 -21.87 17.07 -3.92
CA ALA C 86 -23.06 17.88 -3.69
C ALA C 86 -23.03 19.25 -4.36
N GLN C 87 -21.87 19.88 -4.41
CA GLN C 87 -21.75 21.20 -5.01
C GLN C 87 -21.20 21.20 -6.44
N GLY C 88 -21.52 22.26 -7.19
CA GLY C 88 -21.04 22.37 -8.55
C GLY C 88 -21.28 21.12 -9.36
N SER C 89 -20.41 20.87 -10.33
CA SER C 89 -20.55 19.70 -11.18
C SER C 89 -19.29 18.86 -11.14
N SER C 90 -19.46 17.55 -11.01
CA SER C 90 -18.32 16.64 -10.95
C SER C 90 -18.45 15.56 -12.02
N GLU C 91 -17.31 15.13 -12.55
CA GLU C 91 -17.34 14.09 -13.54
C GLU C 91 -16.93 12.80 -12.85
N LEU C 92 -17.41 11.68 -13.38
CA LEU C 92 -17.10 10.38 -12.83
C LEU C 92 -16.24 9.60 -13.79
N ARG C 93 -15.27 8.89 -13.23
CA ARG C 93 -14.40 8.07 -14.04
C ARG C 93 -14.29 6.72 -13.34
N VAL C 94 -14.38 5.64 -14.12
CA VAL C 94 -14.23 4.30 -13.57
C VAL C 94 -13.04 3.71 -14.31
N ASP C 95 -11.99 3.39 -13.57
CA ASP C 95 -10.79 2.83 -14.17
C ASP C 95 -10.68 1.38 -13.73
N LEU C 96 -10.56 0.52 -14.71
CA LEU C 96 -10.47 -0.92 -14.47
C LEU C 96 -9.22 -1.47 -15.11
N VAL C 97 -8.80 -2.63 -14.63
CA VAL C 97 -7.64 -3.32 -15.19
C VAL C 97 -8.08 -4.77 -15.22
N ASP C 98 -8.08 -5.39 -16.40
CA ASP C 98 -8.51 -6.79 -16.47
C ASP C 98 -7.39 -7.68 -15.96
N PHE C 99 -7.61 -9.00 -16.00
CA PHE C 99 -6.60 -9.91 -15.48
C PHE C 99 -5.35 -10.08 -16.34
N GLU C 100 -5.30 -9.40 -17.47
CA GLU C 100 -4.14 -9.47 -18.34
C GLU C 100 -3.40 -8.13 -18.32
N GLY C 101 -3.81 -7.28 -17.39
CA GLY C 101 -3.17 -5.97 -17.23
C GLY C 101 -3.63 -4.88 -18.17
N ASN C 102 -4.73 -5.10 -18.88
CA ASN C 102 -5.23 -4.08 -19.80
C ASN C 102 -6.09 -3.07 -19.07
N HIS C 103 -5.71 -1.80 -19.18
CA HIS C 103 -6.46 -0.73 -18.55
C HIS C 103 -7.67 -0.37 -19.43
N GLN C 104 -8.81 -0.21 -18.79
CA GLN C 104 -10.04 0.14 -19.48
C GLN C 104 -10.75 1.14 -18.59
N PHE C 105 -11.57 1.99 -19.18
CA PHE C 105 -12.25 3.01 -18.40
C PHE C 105 -13.60 3.41 -18.96
N ALA C 106 -14.37 4.12 -18.14
CA ALA C 106 -15.67 4.63 -18.52
C ALA C 106 -15.69 6.01 -17.89
N LYS C 107 -16.14 7.01 -18.64
CA LYS C 107 -16.19 8.38 -18.14
C LYS C 107 -17.58 8.97 -18.33
N TYR C 108 -18.05 9.71 -17.34
CA TYR C 108 -19.38 10.32 -17.39
C TYR C 108 -19.27 11.82 -17.17
N LYS C 109 -20.03 12.57 -17.98
CA LYS C 109 -20.02 14.03 -17.97
C LYS C 109 -20.26 14.63 -16.60
N SER C 110 -21.26 14.12 -15.89
CA SER C 110 -21.56 14.63 -14.57
C SER C 110 -21.93 13.45 -13.70
N PHE C 111 -21.69 13.60 -12.40
CA PHE C 111 -21.96 12.54 -11.46
C PHE C 111 -22.19 13.15 -10.10
N LYS C 112 -23.14 12.59 -9.37
CA LYS C 112 -23.44 13.08 -8.05
C LYS C 112 -24.18 11.98 -7.29
N VAL C 113 -23.98 11.94 -5.99
CA VAL C 113 -24.69 10.98 -5.15
C VAL C 113 -25.52 11.85 -4.23
N ALA C 114 -26.84 11.63 -4.21
CA ALA C 114 -27.73 12.41 -3.37
C ALA C 114 -27.46 12.16 -1.88
N ASP C 115 -27.96 13.05 -1.02
CA ASP C 115 -27.73 12.90 0.41
C ASP C 115 -28.46 11.65 0.90
N GLU C 116 -28.19 11.24 2.13
CA GLU C 116 -28.83 10.06 2.67
C GLU C 116 -30.35 10.20 2.63
N ALA C 117 -30.81 11.44 2.78
CA ALA C 117 -32.25 11.71 2.75
C ALA C 117 -32.84 11.15 1.47
N GLU C 118 -32.18 11.38 0.34
CA GLU C 118 -32.67 10.87 -0.93
C GLU C 118 -32.02 9.52 -1.25
N LYS C 119 -31.67 8.80 -0.18
CA LYS C 119 -31.08 7.48 -0.30
C LYS C 119 -29.86 7.38 -1.22
N TYR C 120 -28.99 8.38 -1.14
CA TYR C 120 -27.77 8.40 -1.95
C TYR C 120 -28.07 8.08 -3.41
N LYS C 121 -29.19 8.60 -3.90
CA LYS C 121 -29.59 8.36 -5.28
C LYS C 121 -28.47 8.75 -6.24
N LEU C 122 -28.29 7.94 -7.28
CA LEU C 122 -27.28 8.20 -8.29
C LEU C 122 -27.80 9.22 -9.31
N VAL C 123 -27.07 10.31 -9.49
CA VAL C 123 -27.44 11.32 -10.48
C VAL C 123 -26.32 11.26 -11.50
N LEU C 124 -26.53 10.51 -12.57
CA LEU C 124 -25.51 10.33 -13.59
C LEU C 124 -25.79 11.00 -14.92
N GLY C 125 -24.83 11.80 -15.38
CA GLY C 125 -24.95 12.48 -16.65
C GLY C 125 -24.56 11.57 -17.81
N ALA C 126 -24.35 12.17 -18.97
CA ALA C 126 -24.01 11.40 -20.17
C ALA C 126 -22.68 10.65 -20.13
N PHE C 127 -22.70 9.45 -20.67
CA PHE C 127 -21.51 8.62 -20.78
C PHE C 127 -20.71 9.31 -21.90
N VAL C 128 -19.46 9.67 -21.64
CA VAL C 128 -18.68 10.35 -22.66
C VAL C 128 -17.61 9.48 -23.30
N GLY C 129 -17.75 8.17 -23.15
CA GLY C 129 -16.80 7.27 -23.76
C GLY C 129 -15.91 6.53 -22.78
N GLY C 130 -15.34 5.42 -23.24
CA GLY C 130 -14.46 4.63 -22.41
C GLY C 130 -14.42 3.19 -22.89
N SER C 131 -13.21 2.64 -22.96
CA SER C 131 -12.99 1.28 -23.42
C SER C 131 -13.66 0.21 -22.57
N ALA C 132 -14.13 0.59 -21.38
CA ALA C 132 -14.79 -0.36 -20.50
C ALA C 132 -16.27 -0.47 -20.85
N GLY C 133 -16.77 0.47 -21.64
CA GLY C 133 -18.17 0.43 -22.00
C GLY C 133 -19.00 1.11 -20.94
N ASN C 134 -20.26 1.38 -21.24
CA ASN C 134 -21.13 2.06 -20.28
C ASN C 134 -22.01 1.07 -19.52
N SER C 135 -21.47 0.52 -18.43
CA SER C 135 -22.20 -0.45 -17.63
C SER C 135 -23.25 0.21 -16.74
N LEU C 136 -23.16 1.52 -16.56
CA LEU C 136 -24.11 2.23 -15.73
C LEU C 136 -25.25 2.79 -16.59
N THR C 137 -25.32 2.32 -17.83
CA THR C 137 -26.36 2.78 -18.74
C THR C 137 -27.72 2.65 -18.06
N GLY C 138 -28.50 3.72 -18.10
CA GLY C 138 -29.82 3.70 -17.51
C GLY C 138 -29.85 3.39 -16.02
N HIS C 139 -28.90 3.94 -15.28
CA HIS C 139 -28.84 3.73 -13.83
C HIS C 139 -29.06 5.06 -13.14
N ASN C 140 -29.18 6.12 -13.94
CA ASN C 140 -29.40 7.45 -13.40
C ASN C 140 -30.69 7.45 -12.60
N ASN C 141 -30.68 8.18 -11.48
CA ASN C 141 -31.81 8.29 -10.58
C ASN C 141 -32.08 7.05 -9.73
N ASN C 142 -31.26 6.02 -9.91
CA ASN C 142 -31.40 4.79 -9.14
C ASN C 142 -31.01 5.05 -7.70
N PHE C 143 -31.77 4.47 -6.76
CA PHE C 143 -31.46 4.63 -5.35
C PHE C 143 -30.37 3.62 -5.01
N PHE C 144 -29.63 3.88 -3.94
CA PHE C 144 -28.57 2.96 -3.53
C PHE C 144 -29.21 1.93 -2.63
N SER C 145 -28.83 0.67 -2.79
CA SER C 145 -29.38 -0.40 -1.98
C SER C 145 -28.29 -1.28 -1.39
N THR C 146 -28.44 -1.59 -0.11
CA THR C 146 -27.52 -2.45 0.61
C THR C 146 -28.40 -3.60 1.09
N LYS C 147 -27.78 -4.73 1.39
CA LYS C 147 -28.52 -5.90 1.83
C LYS C 147 -29.58 -5.61 2.88
N ASP C 148 -29.30 -4.67 3.79
CA ASP C 148 -30.26 -4.34 4.85
C ASP C 148 -31.19 -3.16 4.52
N GLN C 149 -30.75 -2.30 3.60
CA GLN C 149 -31.56 -1.15 3.22
C GLN C 149 -31.88 -1.28 1.73
N ASP C 150 -33.03 -1.89 1.46
CA ASP C 150 -33.48 -2.15 0.09
C ASP C 150 -34.25 -0.98 -0.51
N ASN C 151 -33.65 -0.33 -1.50
CA ASN C 151 -34.29 0.82 -2.14
C ASN C 151 -34.42 0.71 -3.65
N ASP C 152 -34.31 -0.49 -4.21
CA ASP C 152 -34.44 -0.64 -5.65
C ASP C 152 -35.92 -0.69 -6.03
N VAL C 153 -36.20 -0.76 -7.33
CA VAL C 153 -37.60 -0.79 -7.79
C VAL C 153 -38.05 -2.20 -8.17
N SER C 154 -37.37 -3.20 -7.62
CA SER C 154 -37.69 -4.60 -7.88
C SER C 154 -38.46 -5.17 -6.68
N SER C 155 -38.92 -6.41 -6.80
CA SER C 155 -39.66 -7.06 -5.72
C SER C 155 -38.68 -7.86 -4.87
N SER C 156 -37.46 -8.00 -5.37
CA SER C 156 -36.42 -8.75 -4.67
C SER C 156 -35.40 -7.78 -4.08
N ASN C 157 -34.52 -8.28 -3.23
CA ASN C 157 -33.49 -7.46 -2.60
C ASN C 157 -32.19 -7.64 -3.39
N CYS C 158 -32.06 -6.90 -4.48
CA CYS C 158 -30.90 -6.96 -5.36
C CYS C 158 -29.54 -7.09 -4.67
N ALA C 159 -29.33 -6.30 -3.62
CA ALA C 159 -28.07 -6.33 -2.90
C ALA C 159 -27.70 -7.74 -2.46
N GLU C 160 -28.71 -8.51 -2.04
CA GLU C 160 -28.47 -9.88 -1.60
C GLU C 160 -28.23 -10.85 -2.76
N LYS C 161 -29.08 -10.78 -3.78
CA LYS C 161 -28.97 -11.65 -4.94
C LYS C 161 -27.59 -11.60 -5.61
N PHE C 162 -27.04 -10.39 -5.72
CA PHE C 162 -25.74 -10.23 -6.36
C PHE C 162 -24.62 -9.90 -5.38
N GLN C 163 -24.90 -10.10 -4.10
CA GLN C 163 -23.94 -9.86 -3.03
C GLN C 163 -23.12 -8.58 -3.25
N GLY C 164 -23.74 -7.43 -2.99
CA GLY C 164 -23.05 -6.16 -3.17
C GLY C 164 -23.98 -4.98 -3.25
N ALA C 165 -23.59 -3.89 -2.60
CA ALA C 165 -24.40 -2.67 -2.58
C ALA C 165 -24.18 -1.92 -3.88
N TRP C 166 -25.24 -1.35 -4.42
CA TRP C 166 -25.15 -0.65 -5.69
C TRP C 166 -26.44 0.11 -5.93
N TRP C 167 -26.45 0.94 -6.96
CA TRP C 167 -27.64 1.69 -7.32
C TRP C 167 -28.44 0.79 -8.25
N TYR C 168 -29.04 -0.26 -7.69
CA TYR C 168 -29.83 -1.19 -8.47
C TYR C 168 -31.19 -0.62 -8.82
N ALA C 169 -31.73 -1.10 -9.94
CA ALA C 169 -33.06 -0.72 -10.41
C ALA C 169 -33.78 -2.06 -10.34
N ASP C 170 -33.42 -2.94 -11.28
CA ASP C 170 -33.92 -4.31 -11.36
C ASP C 170 -32.70 -5.08 -11.88
N CYS C 171 -31.82 -5.41 -10.95
CA CYS C 171 -30.54 -6.07 -11.22
C CYS C 171 -30.49 -7.24 -12.21
N HIS C 172 -29.39 -7.31 -12.97
CA HIS C 172 -29.23 -8.38 -13.95
C HIS C 172 -27.90 -9.13 -13.82
N ALA C 173 -26.86 -8.43 -13.39
CA ALA C 173 -25.54 -9.05 -13.22
C ALA C 173 -24.83 -8.40 -12.04
N SER C 174 -23.68 -8.95 -11.67
CA SER C 174 -22.91 -8.40 -10.55
C SER C 174 -22.24 -7.11 -11.01
N ASN C 175 -21.72 -6.35 -10.05
CA ASN C 175 -21.08 -5.07 -10.36
C ASN C 175 -19.78 -4.89 -9.59
N LEU C 176 -19.18 -3.72 -9.72
CA LEU C 176 -17.92 -3.43 -9.06
C LEU C 176 -17.91 -3.60 -7.54
N ASN C 177 -19.08 -3.58 -6.90
CA ASN C 177 -19.14 -3.76 -5.46
C ASN C 177 -19.55 -5.18 -5.07
N GLY C 178 -19.61 -6.07 -6.05
CA GLY C 178 -20.00 -7.45 -5.77
C GLY C 178 -18.86 -8.34 -5.30
N LEU C 179 -19.14 -9.63 -5.17
CA LEU C 179 -18.14 -10.59 -4.72
C LEU C 179 -16.95 -10.65 -5.67
N TYR C 180 -15.75 -10.61 -5.10
CA TYR C 180 -14.54 -10.67 -5.92
C TYR C 180 -14.32 -12.16 -6.17
N LEU C 181 -14.83 -12.64 -7.29
CA LEU C 181 -14.73 -14.06 -7.62
C LEU C 181 -13.32 -14.60 -7.83
N MET C 182 -13.17 -15.89 -7.52
CA MET C 182 -11.91 -16.60 -7.68
C MET C 182 -12.21 -17.77 -8.61
N GLY C 183 -12.67 -17.46 -9.82
CA GLY C 183 -13.02 -18.49 -10.77
C GLY C 183 -11.87 -19.39 -11.19
N PRO C 184 -12.19 -20.53 -11.82
CA PRO C 184 -11.16 -21.47 -12.27
C PRO C 184 -10.37 -20.87 -13.43
N HIS C 185 -11.00 -19.95 -14.16
CA HIS C 185 -10.36 -19.29 -15.29
C HIS C 185 -10.04 -17.85 -14.89
N GLU C 186 -8.80 -17.43 -15.13
CA GLU C 186 -8.38 -16.09 -14.77
C GLU C 186 -8.94 -14.96 -15.64
N SER C 187 -8.98 -15.18 -16.96
CA SER C 187 -9.46 -14.16 -17.90
C SER C 187 -10.94 -13.83 -17.86
N TYR C 188 -11.78 -14.76 -17.38
CA TYR C 188 -13.21 -14.49 -17.31
C TYR C 188 -13.84 -15.14 -16.09
N ALA C 189 -15.03 -14.65 -15.70
CA ALA C 189 -15.74 -15.17 -14.54
C ALA C 189 -14.80 -15.13 -13.35
N ASN C 190 -14.06 -14.03 -13.23
CA ASN C 190 -13.07 -13.85 -12.18
C ASN C 190 -13.12 -12.39 -11.71
N GLY C 191 -12.67 -12.13 -10.48
CA GLY C 191 -12.69 -10.78 -9.96
C GLY C 191 -14.08 -10.16 -9.96
N ILE C 192 -14.17 -8.91 -10.42
CA ILE C 192 -15.45 -8.23 -10.45
C ILE C 192 -15.90 -7.88 -11.85
N ASN C 193 -17.21 -7.76 -12.03
CA ASN C 193 -17.79 -7.49 -13.33
C ASN C 193 -18.21 -6.07 -13.66
N TRP C 194 -18.03 -5.73 -14.93
CA TRP C 194 -18.43 -4.44 -15.49
C TRP C 194 -18.73 -4.83 -16.94
N SER C 195 -19.98 -4.70 -17.35
CA SER C 195 -20.39 -5.07 -18.70
C SER C 195 -20.09 -4.02 -19.75
N ALA C 196 -19.36 -4.44 -20.80
CA ALA C 196 -19.02 -3.54 -21.90
C ALA C 196 -20.27 -3.12 -22.65
N ALA C 197 -21.21 -4.05 -22.74
CA ALA C 197 -22.47 -3.81 -23.42
C ALA C 197 -23.47 -4.82 -22.88
N LYS C 198 -24.70 -4.75 -23.36
CA LYS C 198 -25.74 -5.68 -22.93
C LYS C 198 -25.40 -7.11 -23.32
N GLY C 199 -25.40 -8.00 -22.34
CA GLY C 199 -25.13 -9.40 -22.59
C GLY C 199 -23.66 -9.78 -22.68
N TYR C 200 -22.78 -8.79 -22.57
CA TYR C 200 -21.34 -9.05 -22.66
C TYR C 200 -20.61 -8.62 -21.40
N LYS C 201 -20.40 -9.58 -20.50
CA LYS C 201 -19.71 -9.30 -19.26
C LYS C 201 -18.21 -9.49 -19.39
N TYR C 202 -17.47 -8.72 -18.61
CA TYR C 202 -16.02 -8.81 -18.60
C TYR C 202 -15.54 -8.78 -17.17
N SER C 203 -14.51 -9.55 -16.88
CA SER C 203 -13.95 -9.64 -15.54
C SER C 203 -12.79 -8.68 -15.36
N TYR C 204 -12.73 -8.08 -14.17
CA TYR C 204 -11.67 -7.13 -13.86
C TYR C 204 -11.02 -7.45 -12.53
N LYS C 205 -9.71 -7.27 -12.51
CA LYS C 205 -8.89 -7.53 -11.34
C LYS C 205 -8.85 -6.32 -10.44
N VAL C 206 -8.88 -5.14 -11.05
CA VAL C 206 -8.80 -3.90 -10.32
C VAL C 206 -9.87 -2.92 -10.76
N SER C 207 -10.39 -2.16 -9.82
CA SER C 207 -11.37 -1.15 -10.14
C SER C 207 -11.16 0.05 -9.23
N GLU C 208 -11.44 1.22 -9.76
CA GLU C 208 -11.36 2.44 -9.00
C GLU C 208 -12.47 3.32 -9.55
N MET C 209 -13.26 3.91 -8.68
CA MET C 209 -14.33 4.82 -9.10
C MET C 209 -13.85 6.14 -8.52
N LYS C 210 -13.79 7.17 -9.35
CA LYS C 210 -13.27 8.44 -8.88
C LYS C 210 -13.99 9.62 -9.48
N VAL C 211 -13.94 10.75 -8.79
CA VAL C 211 -14.62 11.95 -9.25
C VAL C 211 -13.73 13.17 -9.24
N ARG C 212 -14.07 14.14 -10.06
CA ARG C 212 -13.30 15.37 -10.13
C ARG C 212 -14.25 16.49 -10.51
N PRO C 213 -14.13 17.64 -9.85
CA PRO C 213 -15.05 18.73 -10.20
C PRO C 213 -14.87 19.08 -11.68
N ALA C 214 -15.97 19.34 -12.37
CA ALA C 214 -15.92 19.66 -13.77
C ALA C 214 -15.91 21.18 -13.98
CA CA D . 17.38 -22.86 23.62
CA CA E . -36.76 -4.28 -3.67
#